data_3IVP
#
_entry.id   3IVP
#
_cell.length_a   49.326
_cell.length_b   69.829
_cell.length_c   170.359
_cell.angle_alpha   90.00
_cell.angle_beta   90.00
_cell.angle_gamma   90.00
#
_symmetry.space_group_name_H-M   'P 21 21 21'
#
loop_
_entity.id
_entity.type
_entity.pdbx_description
1 polymer 'Putative transposon-related DNA-binding protein'
2 non-polymer 'TETRAETHYLENE GLYCOL'
3 water water
#
_entity_poly.entity_id   1
_entity_poly.type   'polypeptide(L)'
_entity_poly.pdbx_seq_one_letter_code
;(MSE)RKKEDKYDFRALGLAIKEARKKQGLTREQVGA(MSE)IEIDPRYLTNIENKGQHPSLQVLYDLVSLLNVSVDEFF
LPASSQVKSTKRRQLENKIDNFTDADLVI(MSE)ESVADGIVKSKEVGE(MSE)AGENLYFQ
;
_entity_poly.pdbx_strand_id   A,B,C,D
#
loop_
_chem_comp.id
_chem_comp.type
_chem_comp.name
_chem_comp.formula
PG4 non-polymer 'TETRAETHYLENE GLYCOL' 'C8 H18 O5'
#
# COMPACT_ATOMS: atom_id res chain seq x y z
N LYS A 3 16.86 7.00 17.32
CA LYS A 3 15.54 7.67 17.42
C LYS A 3 15.57 9.14 16.97
N LYS A 4 16.36 9.46 15.96
CA LYS A 4 16.24 10.79 15.32
C LYS A 4 15.59 10.70 13.93
N GLU A 5 16.05 9.75 13.10
CA GLU A 5 15.40 9.40 11.84
C GLU A 5 13.97 8.86 12.11
N ASP A 6 13.59 8.88 13.38
CA ASP A 6 12.37 8.33 13.88
C ASP A 6 11.47 9.49 14.31
N LYS A 7 12.03 10.68 14.54
CA LYS A 7 11.29 11.80 15.17
C LYS A 7 10.67 12.74 14.12
N TYR A 8 9.39 13.04 14.27
CA TYR A 8 8.67 13.99 13.44
C TYR A 8 9.31 15.35 13.59
N ASP A 9 9.68 15.94 12.45
CA ASP A 9 10.17 17.32 12.42
C ASP A 9 8.97 18.27 12.42
N PHE A 10 8.69 18.85 13.60
CA PHE A 10 7.56 19.78 13.76
C PHE A 10 7.77 21.19 13.14
N ARG A 11 8.97 21.48 12.67
CA ARG A 11 9.28 22.85 12.32
C ARG A 11 8.41 23.46 11.21
N ALA A 12 8.00 22.66 10.23
CA ALA A 12 7.23 23.19 9.11
C ALA A 12 5.79 23.58 9.65
N LEU A 13 5.16 22.68 10.36
CA LEU A 13 3.88 22.95 11.12
C LEU A 13 3.98 24.10 12.15
N GLY A 14 5.06 24.14 12.93
CA GLY A 14 5.37 25.27 13.79
C GLY A 14 5.35 26.58 13.02
N LEU A 15 5.98 26.65 11.82
CA LEU A 15 6.00 27.89 11.01
C LEU A 15 4.63 28.22 10.42
N ALA A 16 3.91 27.21 9.98
CA ALA A 16 2.48 27.44 9.55
C ALA A 16 1.60 28.10 10.67
N ILE A 17 1.73 27.59 11.88
CA ILE A 17 1.04 28.15 13.07
C ILE A 17 1.47 29.62 13.24
N LYS A 18 2.78 29.86 13.15
CA LYS A 18 3.33 31.17 13.38
C LYS A 18 2.79 32.08 12.27
N GLU A 19 2.78 31.59 11.02
CA GLU A 19 2.35 32.46 9.89
C GLU A 19 0.88 32.79 9.98
N ALA A 20 0.09 31.82 10.43
CA ALA A 20 -1.35 32.07 10.61
C ALA A 20 -1.59 33.10 11.74
N ARG A 21 -0.91 32.91 12.87
CA ARG A 21 -0.96 33.93 13.93
C ARG A 21 -0.62 35.36 13.40
N LYS A 22 0.42 35.48 12.58
CA LYS A 22 0.81 36.79 12.08
C LYS A 22 -0.16 37.28 11.02
N LYS A 23 -0.71 36.37 10.22
CA LYS A 23 -1.60 36.82 9.15
C LYS A 23 -2.83 37.35 9.88
N GLN A 24 -3.09 36.78 11.04
CA GLN A 24 -4.31 37.22 11.72
C GLN A 24 -4.14 38.40 12.65
N GLY A 25 -2.93 38.96 12.71
CA GLY A 25 -2.60 40.10 13.56
C GLY A 25 -2.54 39.83 15.07
N LEU A 26 -2.35 38.58 15.48
CA LEU A 26 -2.31 38.26 16.91
C LEU A 26 -0.86 38.29 17.39
N THR A 27 -0.56 38.84 18.57
CA THR A 27 0.77 38.67 19.20
C THR A 27 0.83 37.38 19.97
N ARG A 28 2.04 36.93 20.35
CA ARG A 28 2.17 35.74 21.16
C ARG A 28 1.47 35.89 22.51
N GLU A 29 1.53 37.09 23.07
CA GLU A 29 0.86 37.39 24.33
C GLU A 29 -0.64 37.24 24.22
N GLN A 30 -1.21 37.61 23.08
CA GLN A 30 -2.65 37.48 22.89
C GLN A 30 -3.04 36.02 22.79
N VAL A 31 -2.35 35.27 21.97
CA VAL A 31 -2.61 33.79 21.86
C VAL A 31 -2.49 33.10 23.19
N GLY A 32 -1.45 33.47 23.93
CA GLY A 32 -1.17 32.83 25.23
C GLY A 32 -2.31 33.16 26.19
N ALA A 33 -2.83 34.40 26.12
CA ALA A 33 -3.95 34.78 26.96
C ALA A 33 -5.24 34.06 26.55
N MSE A 34 -5.40 33.81 25.24
CA MSE A 34 -6.61 33.17 24.72
C MSE A 34 -6.66 31.70 25.12
O MSE A 34 -7.72 31.21 25.57
CB MSE A 34 -6.75 33.40 23.20
CG MSE A 34 -7.06 34.86 22.86
SE MSE A 34 -6.74 35.17 20.95
CE MSE A 34 -7.13 37.13 20.90
N ILE A 35 -5.53 30.99 24.96
CA ILE A 35 -5.54 29.54 25.20
C ILE A 35 -4.73 29.13 26.41
N GLU A 36 -4.27 30.11 27.17
CA GLU A 36 -3.67 29.84 28.49
C GLU A 36 -2.31 29.16 28.39
N ILE A 37 -1.45 29.60 27.50
CA ILE A 37 -0.09 29.07 27.43
C ILE A 37 0.90 30.24 27.57
N ASP A 38 2.06 29.94 28.14
CA ASP A 38 3.17 30.88 28.23
C ASP A 38 3.64 31.26 26.82
N PRO A 39 3.68 32.57 26.54
CA PRO A 39 4.18 33.06 25.26
C PRO A 39 5.59 32.54 24.95
N ARG A 40 6.37 32.13 25.97
CA ARG A 40 7.70 31.57 25.72
C ARG A 40 7.66 30.14 25.21
N TYR A 41 6.70 29.37 25.66
CA TYR A 41 6.50 28.04 25.15
C TYR A 41 6.04 28.18 23.71
N LEU A 42 5.17 29.16 23.44
CA LEU A 42 4.77 29.45 22.06
C LEU A 42 5.94 29.74 21.12
N THR A 43 6.86 30.62 21.55
CA THR A 43 8.06 30.92 20.78
C THR A 43 8.81 29.64 20.41
N ASN A 44 8.98 28.75 21.37
CA ASN A 44 9.71 27.49 21.10
C ASN A 44 8.97 26.56 20.13
N ILE A 45 7.65 26.48 20.29
CA ILE A 45 6.80 25.70 19.40
C ILE A 45 6.90 26.23 17.94
N GLU A 46 6.86 27.53 17.75
CA GLU A 46 6.84 28.12 16.40
C GLU A 46 8.24 28.23 15.75
N ASN A 47 9.28 28.45 16.57
CA ASN A 47 10.62 28.76 16.06
C ASN A 47 11.63 27.65 16.22
N LYS A 48 11.43 26.69 17.12
CA LYS A 48 12.51 25.78 17.48
C LYS A 48 12.06 24.37 17.40
N GLY A 49 10.90 24.13 16.79
CA GLY A 49 10.39 22.76 16.58
C GLY A 49 10.07 21.92 17.83
N GLN A 50 9.84 22.60 18.94
CA GLN A 50 9.41 21.98 20.14
C GLN A 50 7.97 21.43 19.96
N HIS A 51 7.77 20.13 20.25
CA HIS A 51 6.48 19.47 20.10
C HIS A 51 5.60 19.97 21.24
N PRO A 52 4.46 20.54 20.92
CA PRO A 52 3.45 20.85 21.93
C PRO A 52 2.82 19.53 22.31
N SER A 53 2.21 19.47 23.50
CA SER A 53 1.25 18.41 23.76
C SER A 53 0.13 18.40 22.73
N LEU A 54 -0.60 17.30 22.67
CA LEU A 54 -1.76 17.21 21.83
C LEU A 54 -2.76 18.30 22.25
N GLN A 55 -2.96 18.52 23.55
CA GLN A 55 -3.86 19.57 24.03
C GLN A 55 -3.53 20.90 23.42
N VAL A 56 -2.26 21.23 23.53
CA VAL A 56 -1.85 22.60 23.08
C VAL A 56 -1.85 22.69 21.55
N LEU A 57 -1.40 21.62 20.85
CA LEU A 57 -1.57 21.48 19.39
C LEU A 57 -3.03 21.78 18.95
N TYR A 58 -3.97 21.04 19.58
CA TYR A 58 -5.39 21.23 19.33
C TYR A 58 -5.76 22.70 19.60
N ASP A 59 -5.35 23.25 20.73
CA ASP A 59 -5.77 24.64 21.06
C ASP A 59 -5.25 25.65 20.03
N LEU A 60 -3.99 25.45 19.59
CA LEU A 60 -3.43 26.35 18.55
C LEU A 60 -4.15 26.32 17.24
N VAL A 61 -4.34 25.13 16.74
CA VAL A 61 -4.81 25.03 15.34
C VAL A 61 -6.33 25.25 15.29
N SER A 62 -7.04 24.94 16.38
CA SER A 62 -8.46 25.29 16.41
C SER A 62 -8.60 26.78 16.62
N LEU A 63 -7.70 27.39 17.42
CA LEU A 63 -7.73 28.93 17.50
C LEU A 63 -7.47 29.65 16.19
N LEU A 64 -6.46 29.16 15.46
CA LEU A 64 -5.95 29.76 14.30
C LEU A 64 -6.50 29.16 13.02
N ASN A 65 -7.24 28.03 13.12
CA ASN A 65 -7.78 27.39 11.91
C ASN A 65 -6.64 26.92 10.97
N VAL A 66 -5.65 26.24 11.54
CA VAL A 66 -4.52 25.74 10.80
C VAL A 66 -4.74 24.22 10.52
N SER A 67 -4.53 23.82 9.27
CA SER A 67 -4.66 22.43 8.86
C SER A 67 -3.47 21.58 9.30
N VAL A 68 -3.68 20.65 10.22
CA VAL A 68 -2.67 19.64 10.57
C VAL A 68 -2.48 18.60 9.47
N ASP A 69 -3.59 18.21 8.81
CA ASP A 69 -3.55 17.19 7.75
C ASP A 69 -2.54 17.56 6.67
N GLU A 70 -2.38 18.83 6.42
CA GLU A 70 -1.45 19.32 5.43
C GLU A 70 -0.01 18.89 5.76
N PHE A 71 0.32 18.75 7.05
CA PHE A 71 1.69 18.40 7.50
C PHE A 71 1.81 16.99 8.01
N PHE A 72 0.69 16.32 8.26
CA PHE A 72 0.77 14.94 8.72
C PHE A 72 0.48 13.93 7.61
N LEU A 73 -0.27 14.31 6.58
CA LEU A 73 -0.72 13.27 5.66
C LEU A 73 -0.10 13.53 4.30
N PRO A 74 0.23 12.47 3.55
CA PRO A 74 0.87 12.64 2.24
C PRO A 74 -0.07 13.35 1.29
N ALA A 75 0.41 14.43 0.67
CA ALA A 75 -0.38 15.13 -0.34
C ALA A 75 -0.42 14.31 -1.61
N SER A 76 -1.59 14.13 -2.20
CA SER A 76 -1.66 13.56 -3.54
C SER A 76 -1.95 14.66 -4.56
N SER A 77 -3.24 14.96 -4.73
CA SER A 77 -3.76 15.98 -5.67
C SER A 77 -2.93 16.09 -6.95
N GLN A 78 -2.86 15.00 -7.70
CA GLN A 78 -2.05 14.92 -8.90
C GLN A 78 -2.84 15.18 -10.20
N VAL A 79 -3.68 14.23 -10.60
CA VAL A 79 -4.44 14.32 -11.85
C VAL A 79 -5.62 15.29 -11.71
N LYS A 80 -5.31 16.58 -11.82
CA LYS A 80 -6.32 17.63 -11.66
C LYS A 80 -7.31 17.67 -12.82
N SER A 81 -7.80 16.48 -13.21
CA SER A 81 -8.81 16.34 -14.25
C SER A 81 -9.95 17.34 -14.01
N THR A 82 -10.30 18.10 -15.05
CA THR A 82 -11.34 19.14 -14.94
C THR A 82 -12.66 18.56 -14.45
N LYS A 83 -12.98 17.34 -14.91
CA LYS A 83 -14.13 16.61 -14.42
C LYS A 83 -13.97 16.31 -12.94
N ARG A 84 -12.82 15.75 -12.57
CA ARG A 84 -12.54 15.41 -11.18
C ARG A 84 -12.59 16.64 -10.28
N ARG A 85 -12.02 17.74 -10.76
CA ARG A 85 -12.10 19.03 -10.09
C ARG A 85 -13.53 19.41 -9.73
N GLN A 86 -14.41 19.42 -10.74
CA GLN A 86 -15.82 19.78 -10.56
C GLN A 86 -16.51 18.88 -9.53
N LEU A 87 -16.26 17.58 -9.61
CA LEU A 87 -16.83 16.62 -8.67
C LEU A 87 -16.44 16.93 -7.23
N GLU A 88 -15.16 17.15 -7.01
CA GLU A 88 -14.62 17.36 -5.67
C GLU A 88 -15.11 18.64 -5.04
N ASN A 89 -15.30 19.67 -5.86
CA ASN A 89 -15.92 20.92 -5.43
C ASN A 89 -17.40 20.77 -5.04
N LYS A 90 -18.13 19.91 -5.75
CA LYS A 90 -19.53 19.61 -5.43
C LYS A 90 -19.71 18.80 -4.15
N ILE A 91 -18.70 18.00 -3.81
CA ILE A 91 -18.79 17.14 -2.63
C ILE A 91 -18.01 17.69 -1.42
N ASP A 92 -17.50 18.91 -1.56
CA ASP A 92 -16.80 19.63 -0.48
C ASP A 92 -17.66 19.69 0.79
N ASN A 93 -18.93 20.07 0.61
CA ASN A 93 -19.87 20.23 1.71
C ASN A 93 -20.73 18.97 1.96
N PHE A 94 -20.22 17.79 1.61
CA PHE A 94 -20.94 16.55 1.91
C PHE A 94 -20.59 16.03 3.30
N THR A 95 -21.61 15.51 3.98
CA THR A 95 -21.44 14.85 5.26
C THR A 95 -20.96 13.46 4.94
N ASP A 96 -20.52 12.72 5.96
CA ASP A 96 -20.04 11.39 5.68
C ASP A 96 -21.16 10.42 5.22
N ALA A 97 -22.39 10.64 5.71
CA ALA A 97 -23.52 9.85 5.23
C ALA A 97 -23.67 9.96 3.70
N ASP A 98 -23.62 11.20 3.21
CA ASP A 98 -23.60 11.46 1.76
C ASP A 98 -22.41 10.77 1.08
N LEU A 99 -21.23 10.89 1.68
CA LEU A 99 -20.05 10.23 1.14
C LEU A 99 -20.18 8.71 1.11
N VAL A 100 -20.97 8.13 2.02
CA VAL A 100 -21.21 6.68 1.97
C VAL A 100 -21.92 6.34 0.66
N ILE A 101 -22.90 7.14 0.26
CA ILE A 101 -23.54 6.96 -1.04
C ILE A 101 -22.53 7.11 -2.21
N MSE A 102 -21.73 8.16 -2.16
CA MSE A 102 -20.73 8.42 -3.20
C MSE A 102 -19.79 7.25 -3.31
O MSE A 102 -19.45 6.80 -4.40
CB MSE A 102 -19.95 9.69 -2.90
CG MSE A 102 -20.78 10.97 -2.93
SE MSE A 102 -21.75 11.24 -4.61
CE MSE A 102 -20.21 11.54 -5.78
N GLU A 103 -19.37 6.74 -2.16
CA GLU A 103 -18.46 5.63 -2.14
C GLU A 103 -19.11 4.40 -2.79
N SER A 104 -20.40 4.18 -2.56
CA SER A 104 -21.08 3.02 -3.13
C SER A 104 -21.19 3.15 -4.64
N VAL A 105 -21.34 4.39 -5.12
CA VAL A 105 -21.28 4.63 -6.55
C VAL A 105 -19.92 4.15 -7.08
N ALA A 106 -18.84 4.63 -6.46
CA ALA A 106 -17.49 4.32 -6.94
C ALA A 106 -17.29 2.81 -7.03
N ASP A 107 -17.70 2.12 -5.96
CA ASP A 107 -17.56 0.67 -5.85
C ASP A 107 -18.42 -0.08 -6.85
N GLY A 108 -19.59 0.47 -7.14
CA GLY A 108 -20.47 -0.05 -8.17
C GLY A 108 -19.85 0.08 -9.56
N ILE A 109 -19.18 1.21 -9.79
CA ILE A 109 -18.54 1.46 -11.06
C ILE A 109 -17.37 0.49 -11.30
N VAL A 110 -16.56 0.21 -10.27
CA VAL A 110 -15.46 -0.75 -10.45
C VAL A 110 -15.99 -2.16 -10.66
N LYS A 111 -17.01 -2.56 -9.88
CA LYS A 111 -17.70 -3.83 -10.12
C LYS A 111 -18.13 -3.94 -11.58
N SER A 112 -18.84 -2.92 -12.07
CA SER A 112 -19.27 -2.87 -13.47
C SER A 112 -18.12 -3.10 -14.42
N LYS A 113 -17.14 -2.20 -14.33
CA LYS A 113 -15.99 -2.17 -15.21
C LYS A 113 -15.24 -3.49 -15.11
N GLU A 114 -14.88 -3.88 -13.88
CA GLU A 114 -14.19 -5.14 -13.64
C GLU A 114 -15.04 -6.33 -14.10
N VAL A 115 -16.12 -6.59 -13.38
CA VAL A 115 -16.86 -7.85 -13.56
C VAL A 115 -17.70 -7.88 -14.85
N GLY A 116 -17.88 -6.71 -15.47
CA GLY A 116 -18.53 -6.63 -16.78
C GLY A 116 -17.66 -7.20 -17.88
N GLU A 117 -16.37 -6.89 -17.84
CA GLU A 117 -15.40 -7.41 -18.82
C GLU A 117 -14.69 -8.65 -18.29
N GLU B 5 -13.03 19.34 33.04
CA GLU B 5 -12.15 20.48 32.64
C GLU B 5 -12.45 20.94 31.21
N ASP B 6 -11.57 21.79 30.69
CA ASP B 6 -11.60 22.21 29.28
C ASP B 6 -10.44 21.49 28.54
N LYS B 7 -10.29 20.22 28.89
CA LYS B 7 -9.44 19.31 28.20
C LYS B 7 -10.11 18.99 26.85
N TYR B 8 -9.32 18.84 25.78
CA TYR B 8 -9.84 18.38 24.49
C TYR B 8 -10.31 16.90 24.67
N ASP B 9 -11.51 16.57 24.10
CA ASP B 9 -12.11 15.19 24.17
C ASP B 9 -11.58 14.44 22.97
N PHE B 10 -10.57 13.58 23.21
CA PHE B 10 -9.92 12.84 22.13
C PHE B 10 -10.71 11.54 21.72
N ARG B 11 -11.84 11.28 22.39
CA ARG B 11 -12.50 10.02 22.19
C ARG B 11 -12.94 9.70 20.76
N ALA B 12 -13.48 10.70 20.06
CA ALA B 12 -13.96 10.51 18.71
C ALA B 12 -12.78 10.25 17.76
N LEU B 13 -11.69 11.02 17.90
CA LEU B 13 -10.51 10.78 17.13
C LEU B 13 -9.93 9.36 17.41
N GLY B 14 -9.89 8.97 18.69
CA GLY B 14 -9.37 7.64 19.06
C GLY B 14 -10.17 6.49 18.46
N LEU B 15 -11.50 6.64 18.51
CA LEU B 15 -12.38 5.68 17.90
C LEU B 15 -12.21 5.68 16.35
N ALA B 16 -12.07 6.84 15.70
CA ALA B 16 -11.78 6.86 14.27
C ALA B 16 -10.43 6.13 13.91
N ILE B 17 -9.45 6.27 14.79
CA ILE B 17 -8.19 5.58 14.61
C ILE B 17 -8.44 4.07 14.71
N LYS B 18 -9.26 3.66 15.69
CA LYS B 18 -9.53 2.22 15.88
C LYS B 18 -10.28 1.67 14.70
N GLU B 19 -11.28 2.42 14.19
CA GLU B 19 -12.10 2.00 13.04
CA GLU B 19 -12.06 1.90 13.09
C GLU B 19 -11.24 1.77 11.80
N ALA B 20 -10.35 2.73 11.52
CA ALA B 20 -9.47 2.65 10.34
C ALA B 20 -8.58 1.45 10.46
N ARG B 21 -8.07 1.27 11.67
CA ARG B 21 -7.13 0.19 11.91
C ARG B 21 -7.83 -1.18 11.61
N LYS B 22 -9.03 -1.33 12.14
CA LYS B 22 -9.84 -2.53 11.91
C LYS B 22 -10.30 -2.66 10.46
N LYS B 23 -10.81 -1.60 9.85
CA LYS B 23 -11.18 -1.66 8.45
C LYS B 23 -9.97 -2.14 7.58
N GLN B 24 -8.75 -1.75 7.98
CA GLN B 24 -7.57 -2.07 7.19
C GLN B 24 -6.99 -3.42 7.61
N GLY B 25 -7.69 -4.14 8.49
CA GLY B 25 -7.34 -5.52 8.82
C GLY B 25 -6.12 -5.68 9.69
N LEU B 26 -5.76 -4.64 10.44
CA LEU B 26 -4.56 -4.65 11.28
C LEU B 26 -4.88 -4.90 12.75
N THR B 27 -4.04 -5.68 13.44
CA THR B 27 -4.21 -5.88 14.90
C THR B 27 -3.46 -4.73 15.59
N ARG B 28 -3.69 -4.53 16.88
CA ARG B 28 -2.86 -3.59 17.65
C ARG B 28 -1.40 -3.99 17.73
N GLU B 29 -1.11 -5.28 17.80
CA GLU B 29 0.26 -5.78 17.75
C GLU B 29 0.96 -5.44 16.44
N GLN B 30 0.29 -5.61 15.30
CA GLN B 30 0.89 -5.09 14.04
C GLN B 30 1.19 -3.59 14.10
N VAL B 31 0.20 -2.83 14.54
CA VAL B 31 0.38 -1.35 14.55
C VAL B 31 1.56 -0.98 15.47
N GLY B 32 1.62 -1.69 16.60
CA GLY B 32 2.69 -1.55 17.58
C GLY B 32 4.09 -1.83 17.03
N ALA B 33 4.31 -3.00 16.44
CA ALA B 33 5.53 -3.26 15.72
C ALA B 33 5.85 -2.25 14.59
N MSE B 34 4.84 -1.71 13.90
CA MSE B 34 5.08 -0.80 12.77
C MSE B 34 5.59 0.54 13.21
O MSE B 34 6.58 1.03 12.67
CB MSE B 34 3.81 -0.62 11.90
CG MSE B 34 3.60 -1.82 10.96
SE MSE B 34 1.76 -1.82 10.34
CE MSE B 34 1.66 -3.71 9.75
N ILE B 35 4.93 1.14 14.22
CA ILE B 35 5.33 2.46 14.65
C ILE B 35 5.99 2.52 16.00
N GLU B 36 6.22 1.36 16.59
CA GLU B 36 7.07 1.21 17.79
C GLU B 36 6.33 1.81 18.98
N ILE B 37 5.10 1.38 19.20
CA ILE B 37 4.44 1.69 20.47
C ILE B 37 3.85 0.42 21.07
N ASP B 38 3.56 0.51 22.35
CA ASP B 38 3.03 -0.60 23.08
C ASP B 38 1.51 -0.78 22.79
N PRO B 39 1.06 -2.01 22.40
CA PRO B 39 -0.33 -2.39 22.18
C PRO B 39 -1.24 -1.90 23.28
N ARG B 40 -0.84 -2.05 24.56
CA ARG B 40 -1.68 -1.56 25.70
C ARG B 40 -1.89 -0.05 25.68
N TYR B 41 -0.86 0.66 25.24
CA TYR B 41 -0.92 2.10 25.15
C TYR B 41 -1.91 2.41 24.01
N LEU B 42 -1.83 1.67 22.90
CA LEU B 42 -2.81 1.85 21.82
C LEU B 42 -4.34 1.66 22.25
N THR B 43 -4.63 0.66 23.08
CA THR B 43 -5.94 0.41 23.69
C THR B 43 -6.45 1.67 24.39
N ASN B 44 -5.58 2.35 25.14
CA ASN B 44 -6.09 3.46 25.95
C ASN B 44 -6.33 4.63 25.02
N ILE B 45 -5.49 4.71 23.99
CA ILE B 45 -5.65 5.82 22.95
C ILE B 45 -6.94 5.64 22.14
N GLU B 46 -7.20 4.38 21.73
CA GLU B 46 -8.41 4.03 20.99
C GLU B 46 -9.70 4.00 21.80
N ASN B 47 -9.64 3.54 23.05
CA ASN B 47 -10.84 3.10 23.80
C ASN B 47 -11.19 4.09 24.89
N LYS B 48 -10.20 4.86 25.37
CA LYS B 48 -10.40 5.58 26.66
C LYS B 48 -10.12 7.07 26.56
N GLY B 49 -9.85 7.53 25.36
CA GLY B 49 -9.48 8.97 25.06
C GLY B 49 -8.19 9.51 25.69
N GLN B 50 -7.34 8.61 26.12
CA GLN B 50 -5.99 9.04 26.49
C GLN B 50 -5.29 9.74 25.36
N HIS B 51 -4.69 10.87 25.67
CA HIS B 51 -4.11 11.73 24.59
C HIS B 51 -2.75 11.07 24.27
N PRO B 52 -2.48 10.77 23.00
CA PRO B 52 -1.08 10.36 22.73
C PRO B 52 -0.19 11.65 22.65
N SER B 53 1.14 11.49 22.69
CA SER B 53 2.06 12.56 22.35
C SER B 53 1.77 12.96 20.89
N LEU B 54 2.21 14.15 20.52
CA LEU B 54 2.17 14.56 19.14
C LEU B 54 2.86 13.52 18.22
N GLN B 55 3.99 12.99 18.65
CA GLN B 55 4.78 12.04 17.83
C GLN B 55 3.88 10.83 17.55
N VAL B 56 3.28 10.26 18.60
CA VAL B 56 2.39 9.11 18.43
C VAL B 56 1.11 9.41 17.64
N LEU B 57 0.55 10.61 17.82
CA LEU B 57 -0.56 10.98 16.99
C LEU B 57 -0.14 10.96 15.48
N TYR B 58 0.94 11.64 15.13
CA TYR B 58 1.46 11.74 13.74
C TYR B 58 1.66 10.29 13.20
N ASP B 59 2.34 9.47 13.97
CA ASP B 59 2.62 8.11 13.51
C ASP B 59 1.34 7.30 13.23
N LEU B 60 0.33 7.38 14.10
CA LEU B 60 -0.92 6.61 13.90
C LEU B 60 -1.66 7.15 12.68
N VAL B 61 -1.85 8.45 12.61
CA VAL B 61 -2.64 9.00 11.49
C VAL B 61 -1.98 8.94 10.11
N SER B 62 -0.65 9.05 10.04
CA SER B 62 0.09 8.87 8.81
C SER B 62 0.09 7.38 8.48
N LEU B 63 0.19 6.51 9.48
CA LEU B 63 0.16 5.06 9.17
C LEU B 63 -1.23 4.67 8.60
N LEU B 64 -2.31 5.22 9.17
CA LEU B 64 -3.68 4.77 8.84
C LEU B 64 -4.45 5.66 7.89
N ASN B 65 -3.91 6.86 7.61
CA ASN B 65 -4.59 7.86 6.74
C ASN B 65 -5.89 8.43 7.36
N VAL B 66 -5.80 8.88 8.61
CA VAL B 66 -6.91 9.43 9.36
C VAL B 66 -6.75 10.94 9.43
N SER B 67 -7.81 11.63 9.07
CA SER B 67 -7.78 13.10 9.07
C SER B 67 -7.85 13.62 10.50
N VAL B 68 -6.88 14.44 10.90
CA VAL B 68 -6.95 15.08 12.21
C VAL B 68 -7.87 16.30 12.14
N ASP B 69 -7.81 16.98 10.99
CA ASP B 69 -8.58 18.24 10.79
C ASP B 69 -10.08 17.98 11.08
N GLU B 70 -10.56 16.80 10.66
CA GLU B 70 -11.94 16.36 10.88
C GLU B 70 -12.35 16.53 12.33
N PHE B 71 -11.41 16.26 13.25
CA PHE B 71 -11.72 16.34 14.63
C PHE B 71 -11.20 17.54 15.38
N PHE B 72 -10.34 18.35 14.77
CA PHE B 72 -9.77 19.50 15.44
C PHE B 72 -10.45 20.81 15.03
N LEU B 73 -10.89 20.87 13.79
CA LEU B 73 -11.49 22.06 13.21
C LEU B 73 -13.03 21.92 12.98
N PRO B 74 -13.76 23.04 13.02
CA PRO B 74 -15.16 23.10 12.62
C PRO B 74 -15.32 22.54 11.22
N ALA B 75 -16.23 21.57 11.03
CA ALA B 75 -16.50 20.99 9.70
C ALA B 75 -16.80 22.11 8.68
N SER B 76 -16.16 21.98 7.52
CA SER B 76 -16.22 22.99 6.44
C SER B 76 -15.74 22.33 5.17
N SER B 77 -15.84 23.08 4.06
CA SER B 77 -15.33 22.65 2.78
C SER B 77 -13.79 22.74 2.70
N GLN B 78 -13.19 23.37 3.71
CA GLN B 78 -11.73 23.40 3.85
C GLN B 78 -11.22 22.15 4.61
N VAL B 79 -12.13 21.28 5.08
CA VAL B 79 -11.70 20.06 5.77
C VAL B 79 -12.00 18.80 4.95
N LYS B 80 -10.97 18.03 4.61
CA LYS B 80 -11.16 16.72 3.98
C LYS B 80 -11.20 15.59 4.98
N SER B 81 -12.43 15.13 5.33
CA SER B 81 -12.58 14.03 6.32
C SER B 81 -11.90 12.76 5.88
N THR B 82 -11.71 11.88 6.84
CA THR B 82 -11.19 10.54 6.56
C THR B 82 -11.97 9.89 5.41
N LYS B 83 -13.30 10.05 5.40
CA LYS B 83 -14.09 9.37 4.42
C LYS B 83 -13.81 9.94 3.06
N ARG B 84 -13.73 11.27 3.02
CA ARG B 84 -13.47 11.96 1.79
C ARG B 84 -12.09 11.50 1.20
N ARG B 85 -11.08 11.40 2.07
N ARG B 85 -11.07 11.38 2.04
CA ARG B 85 -9.74 10.97 1.64
CA ARG B 85 -9.73 10.98 1.52
C ARG B 85 -9.81 9.58 1.01
C ARG B 85 -9.74 9.53 1.02
N GLN B 86 -10.51 8.67 1.69
CA GLN B 86 -10.63 7.29 1.20
CA GLN B 86 -10.71 7.27 1.25
C GLN B 86 -11.38 7.27 -0.14
N LEU B 87 -12.45 8.06 -0.26
CA LEU B 87 -13.15 8.18 -1.52
C LEU B 87 -12.17 8.61 -2.63
N GLU B 88 -11.41 9.67 -2.37
CA GLU B 88 -10.49 10.18 -3.40
C GLU B 88 -9.47 9.13 -3.85
N ASN B 89 -8.94 8.36 -2.90
CA ASN B 89 -8.11 7.20 -3.23
C ASN B 89 -8.80 6.21 -4.15
N LYS B 90 -10.08 5.93 -3.87
CA LYS B 90 -10.86 5.03 -4.74
C LYS B 90 -11.04 5.57 -6.16
N ILE B 91 -11.21 6.88 -6.32
CA ILE B 91 -11.55 7.37 -7.65
C ILE B 91 -10.34 7.89 -8.45
N ASP B 92 -9.16 7.72 -7.88
CA ASP B 92 -7.90 8.11 -8.53
C ASP B 92 -7.76 7.70 -9.99
N ASN B 93 -8.11 6.45 -10.30
CA ASN B 93 -7.96 5.95 -11.67
C ASN B 93 -9.21 6.10 -12.51
N PHE B 94 -10.22 6.82 -12.01
CA PHE B 94 -11.48 6.94 -12.75
C PHE B 94 -11.36 7.74 -14.03
N THR B 95 -12.06 7.27 -15.07
CA THR B 95 -12.20 8.02 -16.31
C THR B 95 -13.21 9.15 -16.12
N ASP B 96 -13.39 9.97 -17.15
CA ASP B 96 -14.34 11.07 -17.06
C ASP B 96 -15.78 10.62 -17.09
N ALA B 97 -16.04 9.58 -17.88
CA ALA B 97 -17.38 9.01 -17.97
C ALA B 97 -17.80 8.42 -16.64
N ASP B 98 -16.83 7.83 -15.91
CA ASP B 98 -17.04 7.36 -14.53
C ASP B 98 -17.40 8.54 -13.65
N LEU B 99 -16.62 9.62 -13.79
CA LEU B 99 -16.81 10.82 -13.03
C LEU B 99 -18.16 11.48 -13.33
N VAL B 100 -18.64 11.40 -14.57
CA VAL B 100 -19.96 11.97 -14.90
C VAL B 100 -21.11 11.23 -14.19
N ILE B 101 -20.98 9.92 -14.02
CA ILE B 101 -21.89 9.15 -13.16
C ILE B 101 -21.79 9.73 -11.74
N MSE B 102 -20.57 9.84 -11.25
CA MSE B 102 -20.27 10.39 -9.94
C MSE B 102 -20.86 11.78 -9.67
O MSE B 102 -21.47 12.03 -8.64
CB MSE B 102 -18.76 10.47 -9.77
CG MSE B 102 -18.30 10.03 -8.46
SE MSE B 102 -18.50 8.12 -8.24
CE MSE B 102 -17.96 8.16 -6.36
N GLU B 103 -20.64 12.69 -10.62
CA GLU B 103 -21.15 14.06 -10.53
C GLU B 103 -22.68 14.09 -10.53
N SER B 104 -23.28 13.30 -11.41
CA SER B 104 -24.73 13.22 -11.55
C SER B 104 -25.40 12.84 -10.25
N VAL B 105 -24.78 11.88 -9.54
CA VAL B 105 -25.28 11.38 -8.27
C VAL B 105 -25.06 12.36 -7.10
N ALA B 106 -23.98 13.15 -7.18
CA ALA B 106 -23.76 14.22 -6.21
C ALA B 106 -24.88 15.25 -6.35
N ASP B 107 -25.25 15.53 -7.59
CA ASP B 107 -26.38 16.42 -7.88
C ASP B 107 -27.68 15.81 -7.38
N GLY B 108 -27.85 14.51 -7.57
CA GLY B 108 -29.02 13.80 -7.06
C GLY B 108 -29.14 13.80 -5.54
N ILE B 109 -28.01 13.73 -4.85
CA ILE B 109 -27.96 13.82 -3.38
C ILE B 109 -28.42 15.22 -2.93
N VAL B 110 -27.92 16.25 -3.62
CA VAL B 110 -28.35 17.63 -3.39
C VAL B 110 -29.87 17.78 -3.62
N LYS B 111 -30.33 17.48 -4.83
CA LYS B 111 -31.75 17.59 -5.15
C LYS B 111 -32.64 16.72 -4.26
N SER B 112 -32.11 15.56 -3.90
CA SER B 112 -32.74 14.65 -2.95
C SER B 112 -33.08 15.35 -1.62
N LYS B 113 -32.22 16.26 -1.20
CA LYS B 113 -32.40 16.94 0.08
C LYS B 113 -33.60 17.90 0.09
N GLU B 114 -33.99 18.41 -1.08
CA GLU B 114 -35.20 19.24 -1.20
C GLU B 114 -36.48 18.42 -1.36
N VAL B 115 -36.32 17.11 -1.54
CA VAL B 115 -37.45 16.20 -1.71
C VAL B 115 -37.72 15.46 -0.41
N ASP C 6 -7.55 -1.15 -5.92
CA ASP C 6 -6.87 -0.46 -4.78
C ASP C 6 -5.38 -0.78 -4.71
N LYS C 7 -4.64 0.06 -3.98
CA LYS C 7 -3.21 -0.03 -3.95
C LYS C 7 -2.72 -1.22 -3.12
N TYR C 8 -1.58 -1.77 -3.51
CA TYR C 8 -0.92 -2.80 -2.76
C TYR C 8 -0.56 -2.25 -1.38
N ASP C 9 -0.84 -3.03 -0.35
CA ASP C 9 -0.56 -2.65 1.02
C ASP C 9 0.83 -3.20 1.42
N PHE C 10 1.83 -2.32 1.30
CA PHE C 10 3.24 -2.63 1.52
C PHE C 10 3.64 -2.87 2.99
N ARG C 11 2.72 -2.65 3.94
CA ARG C 11 3.12 -2.59 5.34
C ARG C 11 3.67 -3.89 5.93
N ALA C 12 3.07 -5.03 5.58
CA ALA C 12 3.65 -6.28 6.05
C ALA C 12 5.09 -6.52 5.51
N LEU C 13 5.33 -6.26 4.24
CA LEU C 13 6.67 -6.47 3.63
C LEU C 13 7.68 -5.46 4.24
N GLY C 14 7.22 -4.20 4.39
CA GLY C 14 7.96 -3.16 5.10
C GLY C 14 8.41 -3.61 6.49
N LEU C 15 7.49 -4.25 7.23
CA LEU C 15 7.80 -4.79 8.57
C LEU C 15 8.80 -5.94 8.50
N ALA C 16 8.64 -6.80 7.50
CA ALA C 16 9.56 -7.89 7.31
C ALA C 16 11.02 -7.36 7.03
N ILE C 17 11.09 -6.32 6.23
CA ILE C 17 12.36 -5.62 5.92
C ILE C 17 13.01 -5.05 7.20
N LYS C 18 12.19 -4.37 8.03
CA LYS C 18 12.70 -3.77 9.24
C LYS C 18 13.16 -4.89 10.17
N GLU C 19 12.36 -5.94 10.25
CA GLU C 19 12.67 -7.08 11.11
CA GLU C 19 12.67 -7.06 11.12
C GLU C 19 14.00 -7.75 10.72
N ALA C 20 14.15 -8.09 9.43
CA ALA C 20 15.43 -8.58 8.91
C ALA C 20 16.61 -7.61 9.15
N ARG C 21 16.42 -6.32 8.91
CA ARG C 21 17.49 -5.36 9.21
C ARG C 21 17.94 -5.53 10.69
N LYS C 22 16.97 -5.57 11.61
CA LYS C 22 17.29 -5.58 13.03
C LYS C 22 17.92 -6.89 13.44
N LYS C 23 17.48 -7.97 12.82
CA LYS C 23 18.07 -9.28 13.20
C LYS C 23 19.54 -9.33 12.75
N GLN C 24 19.90 -8.51 11.76
CA GLN C 24 21.31 -8.41 11.35
C GLN C 24 22.09 -7.42 12.19
N GLY C 25 21.43 -6.77 13.15
CA GLY C 25 22.06 -5.68 13.90
C GLY C 25 22.43 -4.44 13.08
N LEU C 26 21.75 -4.21 11.96
CA LEU C 26 22.06 -3.03 11.10
C LEU C 26 21.19 -1.83 11.43
N THR C 27 21.76 -0.63 11.41
CA THR C 27 20.98 0.55 11.65
C THR C 27 20.48 1.08 10.31
N ARG C 28 19.57 2.03 10.38
CA ARG C 28 19.04 2.65 9.14
C ARG C 28 20.10 3.47 8.45
N GLU C 29 21.00 4.04 9.25
CA GLU C 29 22.15 4.79 8.73
CA GLU C 29 22.16 4.79 8.76
C GLU C 29 23.06 3.85 7.91
N GLN C 30 23.29 2.67 8.43
CA GLN C 30 24.14 1.72 7.76
C GLN C 30 23.49 1.23 6.46
N VAL C 31 22.23 0.80 6.50
CA VAL C 31 21.49 0.36 5.31
C VAL C 31 21.45 1.48 4.29
N GLY C 32 21.14 2.69 4.76
CA GLY C 32 21.10 3.87 3.86
C GLY C 32 22.41 4.10 3.12
N ALA C 33 23.52 4.02 3.82
CA ALA C 33 24.81 4.17 3.16
C ALA C 33 25.03 3.05 2.13
N MSE C 34 24.67 1.83 2.49
CA MSE C 34 24.97 0.68 1.61
C MSE C 34 24.20 0.83 0.32
O MSE C 34 24.71 0.52 -0.76
CB MSE C 34 24.56 -0.64 2.25
CG MSE C 34 25.42 -1.04 3.44
SE MSE C 34 24.61 -2.29 4.73
CE MSE C 34 24.48 -1.28 6.31
N ILE C 35 22.94 1.28 0.42
CA ILE C 35 22.13 1.26 -0.76
C ILE C 35 21.84 2.65 -1.29
N GLU C 36 22.51 3.64 -0.71
CA GLU C 36 22.35 5.06 -1.15
C GLU C 36 20.96 5.65 -1.06
N ILE C 37 20.31 5.43 0.07
CA ILE C 37 19.07 6.13 0.36
C ILE C 37 19.16 6.85 1.72
N ASP C 38 18.42 7.94 1.80
CA ASP C 38 18.13 8.58 3.07
C ASP C 38 17.49 7.65 4.11
N PRO C 39 18.07 7.57 5.33
CA PRO C 39 17.48 6.83 6.48
C PRO C 39 15.98 7.20 6.76
N ARG C 40 15.60 8.45 6.51
CA ARG C 40 14.23 8.89 6.70
C ARG C 40 13.26 8.28 5.68
N TYR C 41 13.73 8.09 4.46
CA TYR C 41 12.96 7.37 3.45
C TYR C 41 12.84 5.90 3.88
N LEU C 42 13.96 5.32 4.32
CA LEU C 42 13.86 3.97 4.89
C LEU C 42 12.84 3.84 6.05
N THR C 43 12.85 4.74 7.00
CA THR C 43 11.81 4.77 8.07
C THR C 43 10.38 4.65 7.50
N ASN C 44 10.07 5.40 6.44
CA ASN C 44 8.72 5.39 5.88
C ASN C 44 8.35 4.11 5.13
N ILE C 45 9.36 3.50 4.48
CA ILE C 45 9.24 2.24 3.80
C ILE C 45 8.98 1.11 4.84
N GLU C 46 9.69 1.19 5.95
CA GLU C 46 9.62 0.21 6.99
C GLU C 46 8.38 0.35 7.88
N ASN C 47 7.97 1.60 8.19
CA ASN C 47 7.00 1.88 9.24
C ASN C 47 5.63 2.36 8.74
N LYS C 48 5.55 2.84 7.50
CA LYS C 48 4.39 3.56 7.05
C LYS C 48 3.81 3.06 5.75
N GLY C 49 4.39 2.01 5.18
CA GLY C 49 3.90 1.47 3.90
C GLY C 49 4.16 2.33 2.67
N GLN C 50 5.16 3.21 2.77
CA GLN C 50 5.59 3.95 1.59
C GLN C 50 6.19 2.96 0.58
N HIS C 51 5.70 2.99 -0.66
CA HIS C 51 6.20 2.05 -1.70
C HIS C 51 7.59 2.51 -2.07
N PRO C 52 8.61 1.64 -1.93
CA PRO C 52 9.91 1.98 -2.54
C PRO C 52 9.79 1.96 -4.08
N SER C 53 10.73 2.57 -4.82
CA SER C 53 10.96 2.17 -6.23
C SER C 53 11.35 0.70 -6.33
N LEU C 54 11.21 0.13 -7.51
CA LEU C 54 11.71 -1.23 -7.72
C LEU C 54 13.20 -1.35 -7.33
N GLN C 55 13.99 -0.35 -7.70
CA GLN C 55 15.43 -0.37 -7.46
C GLN C 55 15.69 -0.52 -5.96
N VAL C 56 15.02 0.32 -5.15
CA VAL C 56 15.21 0.31 -3.69
C VAL C 56 14.71 -1.01 -3.07
N LEU C 57 13.55 -1.49 -3.54
CA LEU C 57 13.07 -2.77 -3.09
C LEU C 57 14.11 -3.86 -3.35
N TYR C 58 14.57 -3.92 -4.60
CA TYR C 58 15.59 -4.94 -4.94
C TYR C 58 16.85 -4.82 -4.03
N ASP C 59 17.35 -3.60 -3.87
CA ASP C 59 18.54 -3.38 -3.07
C ASP C 59 18.33 -3.79 -1.61
N LEU C 60 17.17 -3.47 -1.03
CA LEU C 60 16.82 -3.87 0.33
C LEU C 60 16.72 -5.38 0.51
N VAL C 61 15.93 -6.03 -0.33
CA VAL C 61 15.65 -7.44 -0.10
C VAL C 61 16.81 -8.35 -0.49
N SER C 62 17.67 -7.90 -1.39
CA SER C 62 18.85 -8.69 -1.72
C SER C 62 19.88 -8.49 -0.64
N LEU C 63 20.02 -7.28 -0.11
CA LEU C 63 20.90 -7.06 1.05
C LEU C 63 20.50 -7.89 2.27
N LEU C 64 19.20 -7.94 2.58
CA LEU C 64 18.69 -8.46 3.85
C LEU C 64 18.12 -9.86 3.74
N ASN C 65 18.16 -10.44 2.54
CA ASN C 65 17.56 -11.76 2.28
C ASN C 65 16.08 -11.95 2.65
N VAL C 66 15.23 -11.06 2.14
CA VAL C 66 13.79 -11.09 2.38
C VAL C 66 13.06 -11.57 1.13
N SER C 67 12.16 -12.52 1.28
CA SER C 67 11.39 -13.03 0.17
C SER C 67 10.24 -12.12 -0.16
N VAL C 68 10.16 -11.73 -1.43
CA VAL C 68 9.08 -10.84 -1.84
C VAL C 68 7.85 -11.68 -2.21
N ASP C 69 8.08 -12.92 -2.70
CA ASP C 69 7.00 -13.84 -3.12
C ASP C 69 5.96 -14.13 -1.99
N GLU C 70 6.48 -14.30 -0.77
CA GLU C 70 5.62 -14.52 0.39
C GLU C 70 4.53 -13.44 0.47
N PHE C 71 4.89 -12.22 0.11
CA PHE C 71 4.02 -11.06 0.21
C PHE C 71 3.29 -10.66 -1.08
N PHE C 72 3.79 -11.04 -2.24
CA PHE C 72 3.09 -10.71 -3.51
C PHE C 72 2.23 -11.88 -3.95
N LEU C 73 2.63 -13.07 -3.57
CA LEU C 73 1.92 -14.28 -3.97
C LEU C 73 1.61 -15.12 -2.71
N PRO C 74 0.76 -14.60 -1.81
CA PRO C 74 0.42 -15.43 -0.64
C PRO C 74 -0.18 -16.77 -1.08
N ALA C 75 0.39 -17.86 -0.55
CA ALA C 75 0.04 -19.23 -0.95
C ALA C 75 -1.46 -19.49 -0.99
N SER C 76 -1.86 -20.33 -1.94
CA SER C 76 -3.26 -20.72 -2.09
C SER C 76 -3.77 -21.51 -0.88
N SER C 77 -4.67 -20.90 -0.12
CA SER C 77 -5.36 -21.61 0.97
C SER C 77 -6.44 -22.49 0.38
N GLN C 78 -6.12 -23.78 0.29
CA GLN C 78 -6.93 -24.73 -0.45
C GLN C 78 -6.47 -26.13 -0.09
N VAL C 79 -7.43 -27.03 0.08
CA VAL C 79 -7.12 -28.42 0.38
C VAL C 79 -6.59 -29.15 -0.86
N LYS C 80 -5.53 -29.91 -0.66
CA LYS C 80 -4.86 -30.65 -1.71
C LYS C 80 -4.91 -32.12 -1.40
N SER C 81 -5.17 -32.94 -2.42
CA SER C 81 -5.21 -34.38 -2.25
C SER C 81 -3.81 -34.90 -2.00
N THR C 82 -3.71 -36.10 -1.42
CA THR C 82 -2.44 -36.81 -1.25
C THR C 82 -1.69 -36.85 -2.57
N LYS C 83 -2.41 -37.18 -3.64
CA LYS C 83 -1.91 -37.12 -5.01
C LYS C 83 -1.24 -35.80 -5.32
N ARG C 84 -2.00 -34.71 -5.14
CA ARG C 84 -1.53 -33.36 -5.46
C ARG C 84 -0.24 -33.05 -4.73
N ARG C 85 -0.21 -33.40 -3.44
CA ARG C 85 0.95 -33.15 -2.58
C ARG C 85 2.11 -34.06 -2.93
N GLN C 86 1.82 -35.31 -3.30
CA GLN C 86 2.87 -36.22 -3.72
C GLN C 86 3.52 -35.68 -4.98
N LEU C 87 2.69 -35.22 -5.91
CA LEU C 87 3.15 -34.69 -7.18
C LEU C 87 4.12 -33.52 -6.99
N GLU C 88 3.72 -32.59 -6.12
CA GLU C 88 4.50 -31.39 -5.86
C GLU C 88 5.85 -31.71 -5.25
N ASN C 89 5.88 -32.76 -4.42
CA ASN C 89 7.13 -33.19 -3.81
C ASN C 89 8.14 -33.72 -4.83
N LYS C 90 7.65 -34.46 -5.82
CA LYS C 90 8.52 -35.05 -6.85
C LYS C 90 9.05 -34.00 -7.82
N ILE C 91 8.30 -32.91 -8.00
CA ILE C 91 8.71 -31.84 -8.92
C ILE C 91 9.38 -30.65 -8.22
N ASP C 92 9.80 -30.88 -6.97
CA ASP C 92 10.50 -29.86 -6.17
C ASP C 92 11.85 -29.48 -6.73
N ASN C 93 12.72 -30.47 -6.91
CA ASN C 93 14.04 -30.25 -7.47
C ASN C 93 14.08 -30.40 -9.00
N PHE C 94 12.92 -30.38 -9.64
CA PHE C 94 12.82 -30.40 -11.09
C PHE C 94 13.38 -29.12 -11.67
N THR C 95 14.17 -29.25 -12.73
CA THR C 95 14.65 -28.08 -13.45
C THR C 95 13.52 -27.48 -14.28
N ASP C 96 13.79 -26.30 -14.82
CA ASP C 96 12.86 -25.60 -15.69
C ASP C 96 12.60 -26.41 -16.97
N ALA C 97 13.62 -27.14 -17.40
CA ALA C 97 13.52 -28.04 -18.56
C ALA C 97 12.56 -29.20 -18.29
N ASP C 98 12.62 -29.76 -17.08
CA ASP C 98 11.71 -30.83 -16.69
C ASP C 98 10.27 -30.34 -16.73
N LEU C 99 10.06 -29.14 -16.19
CA LEU C 99 8.73 -28.55 -16.07
C LEU C 99 8.04 -28.29 -17.40
N VAL C 100 8.80 -28.08 -18.46
CA VAL C 100 8.16 -27.91 -19.76
C VAL C 100 7.55 -29.22 -20.29
N ILE C 101 8.21 -30.34 -20.02
CA ILE C 101 7.68 -31.66 -20.35
C ILE C 101 6.40 -31.83 -19.57
N MSE C 102 6.51 -31.58 -18.27
CA MSE C 102 5.41 -31.58 -17.33
C MSE C 102 4.28 -30.70 -17.81
O MSE C 102 3.12 -31.12 -17.84
CB MSE C 102 5.93 -31.08 -16.01
CG MSE C 102 5.53 -31.90 -14.85
SE MSE C 102 5.92 -33.79 -14.98
CE MSE C 102 4.90 -34.23 -13.39
N GLU C 103 4.61 -29.48 -18.23
CA GLU C 103 3.60 -28.54 -18.70
C GLU C 103 2.87 -29.05 -19.94
N SER C 104 3.62 -29.64 -20.88
CA SER C 104 3.05 -30.09 -22.15
C SER C 104 2.01 -31.19 -21.98
N VAL C 105 2.25 -32.08 -21.04
CA VAL C 105 1.35 -33.19 -20.78
C VAL C 105 0.04 -32.67 -20.18
N ALA C 106 0.13 -31.63 -19.35
CA ALA C 106 -1.05 -31.03 -18.74
C ALA C 106 -1.94 -30.47 -19.84
N ASP C 107 -1.30 -29.82 -20.83
CA ASP C 107 -2.01 -29.34 -22.02
C ASP C 107 -2.59 -30.53 -22.79
N GLY C 108 -1.80 -31.59 -22.92
CA GLY C 108 -2.23 -32.79 -23.61
C GLY C 108 -3.44 -33.46 -22.98
N ILE C 109 -3.49 -33.43 -21.66
CA ILE C 109 -4.61 -33.99 -20.91
C ILE C 109 -5.93 -33.27 -21.24
N VAL C 110 -5.87 -31.94 -21.28
CA VAL C 110 -7.05 -31.11 -21.54
C VAL C 110 -7.51 -31.28 -22.97
N LYS C 111 -6.55 -31.25 -23.89
CA LYS C 111 -6.79 -31.47 -25.32
C LYS C 111 -7.40 -32.85 -25.54
N SER C 112 -6.84 -33.86 -24.86
CA SER C 112 -7.42 -35.19 -24.80
C SER C 112 -8.86 -35.17 -24.25
N LYS C 113 -9.09 -34.40 -23.20
CA LYS C 113 -10.41 -34.31 -22.56
C LYS C 113 -11.45 -33.88 -23.59
N GLU C 114 -11.04 -32.98 -24.49
CA GLU C 114 -11.89 -32.48 -25.56
C GLU C 114 -12.09 -33.53 -26.66
N VAL C 115 -11.01 -34.16 -27.08
CA VAL C 115 -11.03 -35.20 -28.11
C VAL C 115 -11.81 -36.43 -27.62
N GLY C 116 -11.63 -36.77 -26.34
CA GLY C 116 -12.31 -37.92 -25.73
C GLY C 116 -13.72 -37.61 -25.29
N MSE D 1 18.80 8.35 -8.86
CA MSE D 1 19.75 7.92 -7.78
C MSE D 1 20.85 6.93 -8.25
O MSE D 1 21.80 7.36 -8.90
CB MSE D 1 18.98 7.43 -6.56
CG MSE D 1 19.86 7.01 -5.43
SE MSE D 1 19.06 5.56 -4.40
CE MSE D 1 18.10 4.43 -5.72
N ARG D 2 20.72 5.63 -7.98
CA ARG D 2 21.82 4.64 -8.17
C ARG D 2 22.51 4.80 -9.51
N LYS D 3 23.84 4.81 -9.46
CA LYS D 3 24.65 4.72 -10.66
C LYS D 3 24.21 3.55 -11.51
N LYS D 4 24.36 3.73 -12.82
CA LYS D 4 24.18 2.68 -13.82
C LYS D 4 24.76 1.33 -13.36
N GLU D 5 25.97 1.34 -12.80
CA GLU D 5 26.67 0.12 -12.41
C GLU D 5 25.94 -0.73 -11.34
N ASP D 6 25.02 -0.12 -10.59
CA ASP D 6 24.33 -0.85 -9.54
C ASP D 6 22.84 -0.98 -9.87
N LYS D 7 22.45 -0.52 -11.06
CA LYS D 7 21.06 -0.58 -11.46
C LYS D 7 20.63 -2.02 -11.65
N TYR D 8 19.48 -2.40 -11.08
CA TYR D 8 18.92 -3.73 -11.31
C TYR D 8 18.57 -3.93 -12.77
N ASP D 9 19.02 -5.04 -13.36
CA ASP D 9 18.67 -5.32 -14.75
C ASP D 9 17.35 -6.06 -14.83
N PHE D 10 16.33 -5.37 -15.34
CA PHE D 10 14.96 -5.89 -15.21
C PHE D 10 14.57 -6.79 -16.41
N ARG D 11 15.52 -6.96 -17.34
CA ARG D 11 15.21 -7.63 -18.60
C ARG D 11 14.71 -9.07 -18.47
N ALA D 12 15.36 -9.90 -17.65
CA ALA D 12 14.90 -11.28 -17.45
C ALA D 12 13.46 -11.33 -16.92
N LEU D 13 13.17 -10.50 -15.91
CA LEU D 13 11.86 -10.52 -15.29
C LEU D 13 10.79 -9.94 -16.23
N GLY D 14 11.14 -8.93 -17.00
CA GLY D 14 10.26 -8.40 -18.04
C GLY D 14 9.91 -9.47 -19.07
N LEU D 15 10.87 -10.32 -19.39
CA LEU D 15 10.67 -11.44 -20.32
C LEU D 15 9.79 -12.53 -19.72
N ALA D 16 9.99 -12.84 -18.44
CA ALA D 16 9.14 -13.80 -17.73
C ALA D 16 7.69 -13.31 -17.68
N ILE D 17 7.50 -12.02 -17.41
CA ILE D 17 6.19 -11.40 -17.47
C ILE D 17 5.53 -11.56 -18.88
N LYS D 18 6.27 -11.23 -19.94
CA LYS D 18 5.76 -11.33 -21.32
C LYS D 18 5.39 -12.75 -21.74
N GLU D 19 6.27 -13.71 -21.43
CA GLU D 19 6.04 -15.14 -21.67
C GLU D 19 4.79 -15.70 -20.95
N ALA D 20 4.53 -15.21 -19.74
CA ALA D 20 3.31 -15.57 -18.99
C ALA D 20 2.06 -14.91 -19.58
N ARG D 21 2.19 -13.67 -20.03
CA ARG D 21 1.09 -12.97 -20.70
C ARG D 21 0.69 -13.74 -21.96
N LYS D 22 1.68 -14.21 -22.69
CA LYS D 22 1.46 -14.97 -23.92
C LYS D 22 1.04 -16.42 -23.66
N LYS D 23 1.71 -17.08 -22.71
CA LYS D 23 1.41 -18.47 -22.35
C LYS D 23 -0.02 -18.59 -21.83
N GLN D 24 -0.51 -17.48 -21.27
CA GLN D 24 -1.89 -17.39 -20.84
C GLN D 24 -2.57 -16.37 -21.75
N GLY D 25 -2.70 -16.77 -23.02
CA GLY D 25 -3.21 -15.93 -24.11
C GLY D 25 -3.94 -14.66 -23.72
N LEU D 26 -3.21 -13.56 -23.62
CA LEU D 26 -3.80 -12.28 -23.25
C LEU D 26 -3.12 -11.15 -24.01
N THR D 27 -3.93 -10.26 -24.57
CA THR D 27 -3.42 -9.08 -25.26
C THR D 27 -2.83 -8.08 -24.28
N ARG D 28 -1.77 -7.39 -24.72
CA ARG D 28 -1.15 -6.30 -23.98
C ARG D 28 -2.20 -5.23 -23.67
N GLU D 29 -3.11 -5.03 -24.64
CA GLU D 29 -4.19 -4.06 -24.53
C GLU D 29 -5.08 -4.31 -23.32
N GLN D 30 -5.46 -5.57 -23.12
CA GLN D 30 -6.39 -5.90 -22.06
C GLN D 30 -5.72 -6.20 -20.73
N VAL D 31 -4.44 -6.54 -20.74
CA VAL D 31 -3.67 -6.58 -19.50
C VAL D 31 -3.60 -5.15 -18.99
N GLY D 32 -3.32 -4.22 -19.91
CA GLY D 32 -3.35 -2.80 -19.64
C GLY D 32 -4.62 -2.40 -18.90
N ALA D 33 -5.77 -2.64 -19.53
CA ALA D 33 -7.06 -2.27 -18.95
C ALA D 33 -7.33 -2.92 -17.60
N MSE D 34 -6.95 -4.19 -17.47
CA MSE D 34 -7.08 -4.93 -16.22
C MSE D 34 -6.19 -4.30 -15.16
O MSE D 34 -6.67 -3.88 -14.13
CB MSE D 34 -6.69 -6.39 -16.40
CG MSE D 34 -7.67 -7.18 -17.24
SE MSE D 34 -7.13 -9.04 -17.44
CE MSE D 34 -7.96 -9.75 -15.81
N ILE D 35 -4.90 -4.23 -15.45
CA ILE D 35 -3.90 -3.69 -14.53
C ILE D 35 -4.04 -2.16 -14.40
N GLU D 36 -4.74 -1.55 -15.35
CA GLU D 36 -4.97 -0.10 -15.41
C GLU D 36 -3.70 0.69 -15.75
N ILE D 37 -2.93 0.15 -16.69
CA ILE D 37 -1.74 0.82 -17.21
C ILE D 37 -1.80 0.92 -18.73
N ASP D 38 -0.98 1.83 -19.27
CA ASP D 38 -0.84 1.99 -20.72
C ASP D 38 -0.09 0.79 -21.31
N PRO D 39 -0.67 0.17 -22.36
CA PRO D 39 0.00 -0.92 -23.08
C PRO D 39 1.43 -0.61 -23.52
N ARG D 40 1.71 0.65 -23.90
CA ARG D 40 3.06 1.05 -24.29
C ARG D 40 3.99 0.88 -23.11
N TYR D 41 3.47 1.23 -21.93
CA TYR D 41 4.21 1.10 -20.69
C TYR D 41 4.60 -0.37 -20.47
N LEU D 42 3.64 -1.28 -20.70
CA LEU D 42 3.89 -2.71 -20.58
C LEU D 42 4.95 -3.18 -21.58
N THR D 43 4.93 -2.62 -22.78
CA THR D 43 5.91 -2.94 -23.82
C THR D 43 7.34 -2.70 -23.36
N ASN D 44 7.60 -1.53 -22.77
CA ASN D 44 8.93 -1.19 -22.28
C ASN D 44 9.31 -1.97 -21.04
N ILE D 45 8.30 -2.29 -20.22
CA ILE D 45 8.49 -3.18 -19.09
C ILE D 45 8.99 -4.55 -19.59
N GLU D 46 8.27 -5.11 -20.57
CA GLU D 46 8.52 -6.45 -21.11
C GLU D 46 9.72 -6.50 -22.04
N ASN D 47 9.93 -5.44 -22.82
CA ASN D 47 10.93 -5.46 -23.90
C ASN D 47 12.21 -4.67 -23.64
N LYS D 48 12.10 -3.56 -22.92
CA LYS D 48 13.21 -2.63 -22.81
C LYS D 48 13.81 -2.60 -21.40
N GLY D 49 13.26 -3.44 -20.52
CA GLY D 49 13.78 -3.57 -19.16
C GLY D 49 13.49 -2.36 -18.29
N GLN D 50 12.52 -1.56 -18.70
CA GLN D 50 12.09 -0.44 -17.86
C GLN D 50 11.45 -0.94 -16.58
N HIS D 51 11.87 -0.35 -15.46
CA HIS D 51 11.35 -0.74 -14.14
C HIS D 51 9.89 -0.30 -14.02
N PRO D 52 8.99 -1.22 -13.70
CA PRO D 52 7.65 -0.75 -13.33
C PRO D 52 7.69 -0.15 -11.92
N SER D 53 6.68 0.59 -11.52
CA SER D 53 6.52 0.91 -10.11
C SER D 53 6.28 -0.40 -9.35
N LEU D 54 6.37 -0.34 -8.03
CA LEU D 54 6.06 -1.51 -7.22
C LEU D 54 4.58 -1.97 -7.42
N GLN D 55 3.64 -1.02 -7.40
CA GLN D 55 2.19 -1.32 -7.65
C GLN D 55 2.00 -2.16 -8.91
N VAL D 56 2.57 -1.65 -10.00
CA VAL D 56 2.47 -2.31 -11.31
C VAL D 56 3.14 -3.68 -11.32
N LEU D 57 4.30 -3.78 -10.69
CA LEU D 57 4.97 -5.06 -10.58
C LEU D 57 4.07 -6.03 -9.82
N TYR D 58 3.57 -5.60 -8.66
CA TYR D 58 2.59 -6.38 -7.93
C TYR D 58 1.40 -6.80 -8.82
N ASP D 59 0.83 -5.83 -9.53
CA ASP D 59 -0.33 -6.12 -10.39
C ASP D 59 -0.04 -7.14 -11.52
N LEU D 60 1.14 -7.06 -12.11
CA LEU D 60 1.53 -7.96 -13.20
C LEU D 60 1.77 -9.36 -12.68
N VAL D 61 2.52 -9.43 -11.59
CA VAL D 61 3.05 -10.67 -11.05
C VAL D 61 1.98 -11.52 -10.37
N SER D 62 1.03 -10.87 -9.69
CA SER D 62 -0.08 -11.58 -9.06
C SER D 62 -1.13 -12.01 -10.08
N LEU D 63 -1.32 -11.21 -11.12
CA LEU D 63 -2.21 -11.54 -12.21
C LEU D 63 -1.67 -12.72 -13.03
N LEU D 64 -0.36 -12.71 -13.29
CA LEU D 64 0.25 -13.72 -14.15
C LEU D 64 0.95 -14.88 -13.43
N ASN D 65 1.05 -14.81 -12.10
CA ASN D 65 1.73 -15.84 -11.31
C ASN D 65 3.21 -16.01 -11.70
N VAL D 66 3.97 -14.94 -11.53
CA VAL D 66 5.41 -14.91 -11.86
C VAL D 66 6.19 -14.69 -10.56
N SER D 67 7.25 -15.46 -10.33
CA SER D 67 8.07 -15.33 -9.13
C SER D 67 9.07 -14.17 -9.20
N VAL D 68 8.99 -13.23 -8.25
CA VAL D 68 9.97 -12.14 -8.11
C VAL D 68 11.28 -12.67 -7.49
N ASP D 69 11.15 -13.44 -6.41
CA ASP D 69 12.30 -14.08 -5.75
C ASP D 69 13.28 -14.77 -6.74
N GLU D 70 12.72 -15.48 -7.72
CA GLU D 70 13.50 -16.12 -8.79
C GLU D 70 14.47 -15.13 -9.48
N PHE D 71 14.10 -13.86 -9.57
CA PHE D 71 14.94 -12.87 -10.24
C PHE D 71 15.63 -11.85 -9.33
N PHE D 72 15.22 -11.81 -8.06
CA PHE D 72 15.87 -10.95 -7.06
C PHE D 72 16.88 -11.70 -6.19
N LEU D 73 16.58 -12.96 -5.85
CA LEU D 73 17.37 -13.68 -4.83
C LEU D 73 18.22 -14.78 -5.44
N PRO D 74 19.38 -15.10 -4.81
CA PRO D 74 20.20 -16.21 -5.26
C PRO D 74 19.41 -17.52 -5.35
N ALA D 75 19.87 -18.41 -6.23
CA ALA D 75 19.38 -19.78 -6.30
C ALA D 75 19.26 -20.38 -4.88
N SER D 76 20.22 -20.01 -4.01
CA SER D 76 20.22 -20.35 -2.58
C SER D 76 18.86 -20.72 -1.99
N SER D 77 17.89 -19.80 -2.08
CA SER D 77 16.59 -19.94 -1.45
C SER D 77 15.68 -20.91 -2.19
N GLN D 78 14.97 -21.73 -1.43
CA GLN D 78 13.94 -22.61 -1.99
C GLN D 78 12.78 -21.77 -2.52
N VAL D 79 13.03 -21.17 -3.67
CA VAL D 79 12.03 -20.39 -4.38
C VAL D 79 11.18 -21.31 -5.25
N LYS D 80 9.87 -21.08 -5.22
CA LYS D 80 8.97 -21.63 -6.22
C LYS D 80 9.06 -20.78 -7.49
N SER D 81 9.61 -21.36 -8.55
CA SER D 81 9.86 -20.69 -9.83
C SER D 81 8.57 -20.33 -10.59
N THR D 82 8.71 -19.43 -11.55
CA THR D 82 7.59 -19.04 -12.42
C THR D 82 6.95 -20.25 -13.11
N LYS D 83 7.75 -21.01 -13.87
CA LYS D 83 7.25 -22.20 -14.57
C LYS D 83 6.41 -23.09 -13.66
N ARG D 84 6.94 -23.31 -12.46
CA ARG D 84 6.34 -24.13 -11.41
C ARG D 84 4.97 -23.65 -11.00
N ARG D 85 4.85 -22.33 -10.90
CA ARG D 85 3.63 -21.70 -10.42
C ARG D 85 2.53 -21.82 -11.47
N GLN D 86 2.90 -21.59 -12.72
CA GLN D 86 1.94 -21.72 -13.81
C GLN D 86 1.49 -23.16 -14.06
N LEU D 87 2.43 -24.11 -13.94
CA LEU D 87 2.08 -25.52 -14.04
C LEU D 87 1.11 -25.88 -12.93
N GLU D 88 1.36 -25.33 -11.75
CA GLU D 88 0.50 -25.55 -10.61
C GLU D 88 -0.91 -25.06 -10.89
N ASN D 89 -1.01 -23.90 -11.53
CA ASN D 89 -2.30 -23.34 -11.90
C ASN D 89 -3.02 -24.07 -13.03
N LYS D 90 -2.26 -24.70 -13.92
CA LYS D 90 -2.84 -25.54 -14.97
C LYS D 90 -3.50 -26.78 -14.38
N ILE D 91 -2.86 -27.36 -13.37
CA ILE D 91 -3.32 -28.61 -12.78
C ILE D 91 -4.28 -28.38 -11.62
N ASP D 92 -4.65 -27.12 -11.40
CA ASP D 92 -5.63 -26.74 -10.38
C ASP D 92 -7.01 -27.38 -10.60
N ASN D 93 -7.42 -27.48 -11.86
CA ASN D 93 -8.69 -28.12 -12.20
C ASN D 93 -8.50 -29.49 -12.85
N PHE D 94 -7.65 -30.28 -12.22
CA PHE D 94 -7.35 -31.65 -12.63
C PHE D 94 -7.84 -32.58 -11.54
N THR D 95 -8.59 -33.61 -11.91
CA THR D 95 -8.99 -34.66 -10.97
C THR D 95 -7.77 -35.48 -10.53
N ASP D 96 -7.95 -36.34 -9.54
CA ASP D 96 -6.91 -37.27 -9.12
C ASP D 96 -6.52 -38.19 -10.29
N ALA D 97 -7.50 -38.53 -11.13
CA ALA D 97 -7.26 -39.36 -12.31
C ALA D 97 -6.26 -38.66 -13.22
N ASP D 98 -6.59 -37.43 -13.64
CA ASP D 98 -5.69 -36.54 -14.37
C ASP D 98 -4.30 -36.52 -13.74
N LEU D 99 -4.26 -36.40 -12.40
CA LEU D 99 -3.01 -36.24 -11.65
C LEU D 99 -2.14 -37.48 -11.65
N VAL D 100 -2.78 -38.65 -11.71
CA VAL D 100 -2.07 -39.93 -11.82
C VAL D 100 -1.22 -39.97 -13.10
N ILE D 101 -1.75 -39.40 -14.17
CA ILE D 101 -0.96 -39.27 -15.39
C ILE D 101 0.22 -38.32 -15.18
N MSE D 102 -0.01 -37.19 -14.50
CA MSE D 102 1.07 -36.22 -14.26
C MSE D 102 2.18 -36.84 -13.44
O MSE D 102 3.36 -36.65 -13.74
CB MSE D 102 0.56 -34.93 -13.56
CG MSE D 102 -0.50 -34.17 -14.31
SE MSE D 102 0.13 -33.45 -15.99
CE MSE D 102 0.40 -35.07 -17.00
N GLU D 103 1.81 -37.60 -12.42
CA GLU D 103 2.78 -38.26 -11.57
C GLU D 103 3.66 -39.21 -12.37
N SER D 104 3.05 -39.90 -13.34
CA SER D 104 3.79 -40.84 -14.16
C SER D 104 4.78 -40.12 -15.10
N VAL D 105 4.49 -38.89 -15.49
CA VAL D 105 5.50 -38.16 -16.23
C VAL D 105 6.70 -37.75 -15.35
N ALA D 106 6.44 -37.40 -14.09
CA ALA D 106 7.51 -37.06 -13.15
C ALA D 106 8.44 -38.23 -12.90
N ASP D 107 7.84 -39.39 -12.62
CA ASP D 107 8.58 -40.61 -12.38
C ASP D 107 9.41 -41.01 -13.60
N GLY D 108 8.81 -40.86 -14.78
CA GLY D 108 9.49 -41.12 -16.04
C GLY D 108 10.68 -40.21 -16.23
N ILE D 109 10.48 -38.93 -15.90
CA ILE D 109 11.54 -37.91 -15.93
C ILE D 109 12.68 -38.26 -14.96
N VAL D 110 12.32 -38.74 -13.76
CA VAL D 110 13.31 -39.14 -12.77
C VAL D 110 14.11 -40.35 -13.26
N LYS D 111 13.40 -41.40 -13.69
CA LYS D 111 14.05 -42.58 -14.27
C LYS D 111 14.92 -42.19 -15.46
N SER D 112 14.42 -41.25 -16.26
CA SER D 112 15.14 -40.69 -17.39
C SER D 112 16.50 -40.12 -16.99
N LYS D 113 16.51 -39.34 -15.90
CA LYS D 113 17.72 -38.70 -15.42
C LYS D 113 18.77 -39.70 -14.93
N GLU D 114 18.38 -40.97 -14.82
CA GLU D 114 19.29 -42.04 -14.44
C GLU D 114 19.88 -42.76 -15.65
N VAL D 115 20.82 -43.67 -15.39
CA VAL D 115 21.49 -44.51 -16.40
C VAL D 115 21.77 -43.80 -17.73
O1 PG4 E . 30.74 -2.61 10.68
C1 PG4 E . 30.33 -3.65 9.80
C2 PG4 E . 28.81 -3.74 9.82
O2 PG4 E . 28.28 -2.70 9.00
C3 PG4 E . 28.42 -2.96 7.63
C4 PG4 E . 27.59 -1.96 6.89
O3 PG4 E . 27.98 -0.63 7.20
C5 PG4 E . 27.72 0.14 6.04
C6 PG4 E . 28.46 1.46 6.14
O4 PG4 E . 28.26 1.94 7.43
C7 PG4 E . 28.00 3.34 7.50
C8 PG4 E . 28.10 3.70 8.98
O5 PG4 E . 27.16 4.75 9.24
O1 PG4 F . 32.16 -5.60 10.79
C1 PG4 F . 32.79 -4.63 11.63
C2 PG4 F . 33.93 -5.33 12.32
O2 PG4 F . 34.23 -4.67 13.54
C3 PG4 F . 35.64 -4.48 13.52
C4 PG4 F . 35.78 -3.53 14.67
O3 PG4 F . 37.00 -2.88 14.50
C5 PG4 F . 36.95 -1.59 15.14
C6 PG4 F . 36.57 -0.64 14.01
O4 PG4 F . 35.48 -1.30 13.39
C7 PG4 F . 34.89 -0.55 12.29
C8 PG4 F . 33.51 -1.12 12.02
O5 PG4 F . 33.22 -0.81 10.64
O1 PG4 G . -3.99 -0.60 -9.31
C1 PG4 G . -4.93 -1.66 -9.17
C2 PG4 G . -5.04 -2.45 -10.47
O2 PG4 G . -5.62 -3.72 -10.17
C3 PG4 G . -6.27 -4.33 -11.28
C4 PG4 G . -7.78 -4.39 -11.02
O3 PG4 G . -8.49 -4.61 -12.25
C5 PG4 G . -9.20 -3.45 -12.70
C6 PG4 G . -9.87 -3.73 -14.05
O4 PG4 G . -9.89 -5.15 -14.22
C7 PG4 G . -10.82 -5.60 -15.19
C8 PG4 G . -10.87 -7.12 -15.10
O5 PG4 G . -11.05 -7.66 -16.41
#